data_5HMX
#
_entry.id   5HMX
#
_cell.length_a   161.340
_cell.length_b   176.300
_cell.length_c   57.850
_cell.angle_alpha   90.000
_cell.angle_beta   90.000
_cell.angle_gamma   90.000
#
_symmetry.space_group_name_H-M   'C 2 2 21'
#
loop_
_entity.id
_entity.type
_entity.pdbx_description
1 polymer 'RNA-directed RNA polymerase NS5'
2 non-polymer 'ZINC ION'
3 non-polymer "2,2'-(5-(thiophen-2-yl)-1,3-phenylene)diacetic acid"
4 water water
#
_entity_poly.entity_id   1
_entity_poly.type   'polypeptide(L)'
_entity_poly.pdbx_seq_one_letter_code
;GSHMLDNMDVIGERIKRIKEEHNSTWHYDDENPYKTWAYHGSYEVKATGSASSMINGVVKLLTKPWDVVPMVTQMAMTDT
TPFGQQRVFKEKVDTRTPRPLPGTRKVMEITAEWLWRTLGRNKRPRLCTREEFTKKVRTNAAMGAVFTEENQWDSAKAAV
EDEEFWKLVDRERELHKLGKCGSCVYNMMGKREKKLGEFGKAKGSRAIWYMWLGVRYLEFEALGFLNEDHWFSRENSYSG
VEGEGLHKLGYILRDISKIPGGAMYADDTAGWDTRITEDDLHNEEKIIQQMDPEHRQLANAIFKLTYQNKVVKVQRPTPT
GTVMDIISRKDQRGSGQVGTYGLNTFTNMEAQLVRQMEGEGVLTKADLENPHLLEKKITQWLETKGVERLKRMAISGDDC
VVKPIDDRFANALLALNDMGKVRKDIPQWQPSKGWHDWQQVPFCSHHFHELIMKDGRKLVVPCRPQDELIGRARISQGAG
WSLRETACLGKAYAQMWSLMYFHRRDLRLASNAICSAVPVHWVPTSRTTWSIHAHHQWMTTEDMLTVWNRVWIEENPWME
DKTPVTTWENVPYLGKREDQWCGSLIGLTSRATWAQNIPTAIQQVRSLIGNEEFLDYMPSMKRFRKEEESEGAIW
;
_entity_poly.pdbx_strand_id   A
#
loop_
_chem_comp.id
_chem_comp.type
_chem_comp.name
_chem_comp.formula
LNX non-polymer '2,2'-(5-(thiophen-2-yl)-1,3-phenylene)diacetic acid' 'C14 H12 O4 S'
ZN non-polymer 'ZINC ION' 'Zn 2'
#
# COMPACT_ATOMS: atom_id res chain seq x y z
N ASN A 7 14.30 -28.23 4.17
CA ASN A 7 13.61 -27.02 4.64
C ASN A 7 13.75 -26.79 6.16
N MET A 8 13.77 -27.89 6.96
CA MET A 8 13.83 -27.87 8.43
C MET A 8 15.15 -27.35 9.05
N ASP A 9 16.28 -27.42 8.31
CA ASP A 9 17.55 -26.93 8.88
C ASP A 9 17.63 -25.39 8.92
N VAL A 10 16.58 -24.70 8.41
CA VAL A 10 16.43 -23.24 8.33
C VAL A 10 15.27 -22.78 9.26
N ILE A 11 14.17 -23.55 9.29
CA ILE A 11 12.94 -23.24 10.02
C ILE A 11 12.85 -23.94 11.40
N GLY A 12 13.57 -25.05 11.57
CA GLY A 12 13.62 -25.86 12.79
C GLY A 12 13.67 -25.13 14.11
N GLU A 13 14.74 -24.31 14.32
CA GLU A 13 14.97 -23.52 15.54
C GLU A 13 13.77 -22.67 15.95
N ARG A 14 13.12 -22.01 14.99
CA ARG A 14 11.96 -21.16 15.25
C ARG A 14 10.78 -21.96 15.76
N ILE A 15 10.47 -23.09 15.07
CA ILE A 15 9.36 -23.98 15.46
C ILE A 15 9.68 -24.56 16.85
N LYS A 16 10.92 -25.07 17.05
CA LYS A 16 11.44 -25.61 18.32
C LYS A 16 11.15 -24.64 19.49
N ARG A 17 11.39 -23.33 19.30
CA ARG A 17 11.14 -22.30 20.30
C ARG A 17 9.65 -22.07 20.59
N ILE A 18 8.78 -22.12 19.56
CA ILE A 18 7.31 -21.95 19.68
C ILE A 18 6.75 -23.19 20.40
N LYS A 19 7.22 -24.40 19.99
CA LYS A 19 6.89 -25.73 20.51
C LYS A 19 7.17 -25.75 22.02
N GLU A 20 8.44 -25.47 22.43
CA GLU A 20 8.88 -25.42 23.83
C GLU A 20 8.07 -24.43 24.67
N GLU A 21 7.88 -23.19 24.17
CA GLU A 21 7.14 -22.12 24.82
C GLU A 21 5.66 -22.46 25.04
N HIS A 22 5.03 -23.17 24.08
CA HIS A 22 3.60 -23.53 24.17
C HIS A 22 3.36 -25.04 24.30
N ASN A 23 4.32 -25.78 24.90
CA ASN A 23 4.23 -27.26 25.04
C ASN A 23 3.02 -27.75 25.87
N SER A 24 2.37 -26.84 26.64
CA SER A 24 1.18 -27.14 27.44
C SER A 24 0.02 -27.54 26.52
N THR A 25 -0.25 -26.73 25.47
CA THR A 25 -1.31 -26.94 24.50
C THR A 25 -0.83 -27.42 23.11
N TRP A 26 0.50 -27.63 22.92
CA TRP A 26 1.08 -28.08 21.64
C TRP A 26 0.63 -29.49 21.23
N HIS A 27 0.17 -29.61 19.97
CA HIS A 27 -0.33 -30.86 19.37
C HIS A 27 -0.29 -30.76 17.83
N TYR A 28 -0.44 -31.91 17.14
CA TYR A 28 -0.51 -31.96 15.68
C TYR A 28 -1.97 -32.18 15.26
N ASP A 29 -2.73 -31.09 15.06
CA ASP A 29 -4.12 -31.14 14.62
C ASP A 29 -4.17 -31.71 13.19
N ASP A 30 -4.51 -33.01 13.11
CA ASP A 30 -4.59 -33.80 11.88
C ASP A 30 -5.71 -33.32 10.93
N GLU A 31 -6.65 -32.49 11.43
CA GLU A 31 -7.72 -31.94 10.60
C GLU A 31 -7.50 -30.42 10.35
N ASN A 32 -6.28 -30.08 9.85
CA ASN A 32 -5.81 -28.73 9.48
C ASN A 32 -6.10 -28.47 7.97
N PRO A 33 -6.41 -27.22 7.54
CA PRO A 33 -6.81 -27.00 6.14
C PRO A 33 -5.71 -26.66 5.13
N TYR A 34 -4.43 -26.72 5.53
CA TYR A 34 -3.27 -26.36 4.71
C TYR A 34 -2.90 -27.42 3.66
N LYS A 35 -3.07 -27.04 2.37
CA LYS A 35 -2.82 -27.89 1.20
C LYS A 35 -1.48 -27.59 0.50
N THR A 36 -1.11 -26.28 0.37
CA THR A 36 0.14 -25.83 -0.29
C THR A 36 1.23 -25.39 0.72
N TRP A 37 0.83 -25.04 1.96
CA TRP A 37 1.71 -24.65 3.05
C TRP A 37 2.05 -25.88 3.89
N ALA A 38 3.31 -25.97 4.37
CA ALA A 38 3.75 -27.07 5.24
C ALA A 38 3.32 -26.71 6.67
N TYR A 39 2.44 -27.54 7.26
CA TYR A 39 1.90 -27.38 8.61
C TYR A 39 2.78 -28.12 9.62
N HIS A 40 2.99 -27.50 10.79
CA HIS A 40 3.84 -28.05 11.84
C HIS A 40 3.09 -28.41 13.11
N GLY A 41 2.09 -27.61 13.47
CA GLY A 41 1.29 -27.81 14.67
C GLY A 41 0.57 -26.56 15.12
N SER A 42 -0.26 -26.74 16.16
CA SER A 42 -1.06 -25.69 16.76
C SER A 42 -0.91 -25.68 18.28
N TYR A 43 -1.38 -24.59 18.88
CA TYR A 43 -1.44 -24.38 20.32
C TYR A 43 -2.63 -23.41 20.62
N GLU A 44 -3.35 -23.62 21.74
CA GLU A 44 -4.50 -22.79 22.10
C GLU A 44 -4.14 -21.33 22.41
N VAL A 45 -5.02 -20.40 21.95
CA VAL A 45 -4.93 -18.94 22.15
C VAL A 45 -6.33 -18.30 22.29
N LYS A 46 -6.36 -17.04 22.75
CA LYS A 46 -7.56 -16.22 22.88
C LYS A 46 -7.86 -15.63 21.49
N ALA A 47 -9.15 -15.53 21.11
CA ALA A 47 -9.56 -14.97 19.81
C ALA A 47 -9.29 -13.45 19.73
N THR A 48 -8.82 -12.98 18.56
CA THR A 48 -8.49 -11.57 18.30
C THR A 48 -9.40 -11.01 17.17
N GLY A 49 -9.73 -9.72 17.24
CA GLY A 49 -10.54 -9.02 16.25
C GLY A 49 -12.05 -9.15 16.40
N SER A 50 -12.79 -8.57 15.43
CA SER A 50 -14.27 -8.58 15.37
C SER A 50 -14.81 -8.77 13.94
N ALA A 51 -16.09 -9.16 13.81
CA ALA A 51 -16.76 -9.34 12.52
C ALA A 51 -17.17 -7.98 11.91
N SER A 52 -17.37 -6.96 12.78
CA SER A 52 -17.73 -5.59 12.42
C SER A 52 -16.52 -4.65 12.58
N SER A 53 -16.78 -3.32 12.54
CA SER A 53 -15.83 -2.21 12.71
C SER A 53 -16.54 -1.09 13.50
N MET A 54 -15.85 -0.49 14.51
CA MET A 54 -16.41 0.60 15.32
C MET A 54 -16.73 1.81 14.45
N ILE A 55 -17.91 2.42 14.65
CA ILE A 55 -18.38 3.56 13.88
C ILE A 55 -18.04 4.90 14.55
N ASN A 56 -17.55 5.85 13.74
CA ASN A 56 -17.22 7.22 14.12
C ASN A 56 -18.52 8.01 14.10
N GLY A 57 -19.10 8.18 15.28
CA GLY A 57 -20.35 8.93 15.49
C GLY A 57 -20.33 10.37 15.03
N VAL A 58 -19.17 11.07 15.12
CA VAL A 58 -19.05 12.47 14.71
C VAL A 58 -19.28 12.58 13.22
N VAL A 59 -18.60 11.71 12.44
CA VAL A 59 -18.68 11.62 10.98
C VAL A 59 -20.07 11.15 10.57
N LYS A 60 -20.58 10.08 11.21
CA LYS A 60 -21.91 9.52 10.91
C LYS A 60 -23.01 10.56 11.11
N LEU A 61 -22.99 11.28 12.24
CA LEU A 61 -24.01 12.30 12.52
C LEU A 61 -24.05 13.43 11.49
N LEU A 62 -22.89 13.71 10.82
CA LEU A 62 -22.73 14.76 9.82
C LEU A 62 -22.76 14.24 8.35
N THR A 63 -23.02 12.93 8.16
CA THR A 63 -23.14 12.31 6.83
C THR A 63 -24.39 11.41 6.81
N LYS A 64 -25.55 11.96 7.27
CA LYS A 64 -26.85 11.27 7.34
C LYS A 64 -27.31 10.64 5.99
N PRO A 65 -27.27 11.35 4.82
CA PRO A 65 -27.71 10.72 3.57
C PRO A 65 -27.00 9.42 3.19
N TRP A 66 -25.79 9.18 3.73
CA TRP A 66 -24.98 8.00 3.46
C TRP A 66 -25.26 6.87 4.45
N ASP A 67 -26.13 7.12 5.46
CA ASP A 67 -26.58 6.09 6.43
C ASP A 67 -27.21 4.92 5.65
N VAL A 68 -28.03 5.26 4.63
CA VAL A 68 -28.68 4.28 3.75
C VAL A 68 -27.95 4.18 2.38
N VAL A 69 -26.63 3.89 2.40
CA VAL A 69 -25.85 3.73 1.17
C VAL A 69 -25.10 2.39 1.28
N PRO A 70 -25.40 1.43 0.36
CA PRO A 70 -24.81 0.08 0.47
C PRO A 70 -23.29 -0.02 0.67
N MET A 71 -22.49 0.68 -0.16
CA MET A 71 -21.03 0.63 0.00
C MET A 71 -20.58 1.15 1.38
N VAL A 72 -21.25 2.20 1.89
CA VAL A 72 -20.98 2.78 3.23
C VAL A 72 -21.26 1.72 4.34
N THR A 73 -22.43 1.04 4.28
CA THR A 73 -22.81 -0.03 5.22
C THR A 73 -21.82 -1.21 5.16
N GLN A 74 -21.41 -1.59 3.94
CA GLN A 74 -20.47 -2.67 3.70
C GLN A 74 -19.12 -2.44 4.41
N MET A 75 -18.65 -1.18 4.43
CA MET A 75 -17.34 -0.85 5.01
C MET A 75 -17.34 -0.96 6.54
N ALA A 76 -18.51 -0.76 7.18
CA ALA A 76 -18.71 -0.87 8.62
C ALA A 76 -18.48 -2.30 9.14
N MET A 77 -18.44 -3.28 8.21
CA MET A 77 -18.22 -4.71 8.46
C MET A 77 -16.71 -5.02 8.49
N THR A 78 -16.21 -5.92 7.60
CA THR A 78 -14.80 -6.36 7.49
C THR A 78 -14.42 -7.23 8.72
N ASP A 79 -14.25 -8.55 8.47
CA ASP A 79 -13.93 -9.57 9.47
C ASP A 79 -12.42 -9.70 9.76
N THR A 80 -12.06 -9.70 11.06
CA THR A 80 -10.69 -9.82 11.56
C THR A 80 -10.54 -10.96 12.60
N THR A 81 -11.64 -11.71 12.85
CA THR A 81 -11.67 -12.85 13.79
C THR A 81 -10.98 -14.07 13.16
N PRO A 82 -10.55 -15.11 13.94
CA PRO A 82 -9.98 -16.32 13.33
C PRO A 82 -10.88 -16.97 12.26
N PHE A 83 -12.22 -16.79 12.40
CA PHE A 83 -13.28 -17.22 11.49
C PHE A 83 -13.11 -16.54 10.12
N GLY A 84 -13.00 -15.21 10.12
CA GLY A 84 -12.79 -14.39 8.94
C GLY A 84 -11.43 -14.57 8.32
N GLN A 85 -10.39 -14.73 9.17
CA GLN A 85 -8.98 -14.93 8.79
C GLN A 85 -8.76 -16.23 8.03
N GLN A 86 -9.46 -17.31 8.42
CA GLN A 86 -9.33 -18.62 7.80
C GLN A 86 -9.89 -18.73 6.38
N ARG A 87 -11.08 -18.13 6.11
CA ARG A 87 -11.71 -18.20 4.79
C ARG A 87 -11.01 -17.33 3.74
N VAL A 88 -10.44 -16.17 4.15
CA VAL A 88 -9.68 -15.24 3.30
C VAL A 88 -8.35 -15.92 2.86
N PHE A 89 -7.75 -16.67 3.80
CA PHE A 89 -6.52 -17.47 3.60
C PHE A 89 -6.78 -18.53 2.52
N LYS A 90 -7.92 -19.26 2.63
CA LYS A 90 -8.35 -20.33 1.73
C LYS A 90 -8.52 -19.86 0.28
N GLU A 91 -9.20 -18.71 0.10
CA GLU A 91 -9.51 -18.08 -1.19
C GLU A 91 -8.30 -17.73 -2.08
N LYS A 92 -7.10 -17.49 -1.50
CA LYS A 92 -5.93 -17.09 -2.30
C LYS A 92 -4.57 -17.58 -1.81
N VAL A 93 -4.30 -17.47 -0.51
CA VAL A 93 -3.02 -17.78 0.12
C VAL A 93 -2.62 -19.28 -0.03
N ASP A 94 -3.61 -20.20 -0.04
CA ASP A 94 -3.35 -21.64 -0.15
C ASP A 94 -3.34 -22.13 -1.61
N THR A 95 -2.42 -21.57 -2.42
CA THR A 95 -2.26 -21.89 -3.84
C THR A 95 -0.79 -22.03 -4.20
N ARG A 96 -0.53 -22.61 -5.37
CA ARG A 96 0.79 -22.84 -5.89
C ARG A 96 0.82 -22.27 -7.32
N THR A 97 1.83 -21.43 -7.61
CA THR A 97 2.02 -20.80 -8.92
C THR A 97 2.90 -21.77 -9.70
N PRO A 98 2.56 -22.13 -10.98
CA PRO A 98 3.44 -23.04 -11.72
C PRO A 98 4.78 -22.37 -12.01
N ARG A 99 5.82 -23.17 -12.19
CA ARG A 99 7.14 -22.62 -12.44
C ARG A 99 7.27 -21.99 -13.82
N PRO A 100 7.72 -20.72 -13.91
CA PRO A 100 7.93 -20.13 -15.25
C PRO A 100 8.85 -21.00 -16.12
N LEU A 101 8.65 -20.98 -17.41
CA LEU A 101 9.46 -21.70 -18.41
C LEU A 101 10.98 -21.30 -18.36
N PRO A 102 11.92 -22.11 -18.91
CA PRO A 102 13.36 -21.77 -18.81
C PRO A 102 13.79 -20.47 -19.48
N GLY A 103 13.16 -20.11 -20.59
CA GLY A 103 13.43 -18.87 -21.33
C GLY A 103 12.90 -17.66 -20.57
N THR A 104 11.73 -17.82 -19.92
CA THR A 104 11.14 -16.81 -19.08
C THR A 104 12.07 -16.51 -17.93
N ARG A 105 12.60 -17.58 -17.28
CA ARG A 105 13.55 -17.49 -16.16
C ARG A 105 14.83 -16.78 -16.57
N LYS A 106 15.35 -17.06 -17.77
CA LYS A 106 16.54 -16.36 -18.30
C LYS A 106 16.25 -14.85 -18.51
N VAL A 107 15.14 -14.49 -19.20
CA VAL A 107 14.76 -13.08 -19.45
C VAL A 107 14.63 -12.33 -18.14
N MET A 108 13.95 -12.95 -17.14
CA MET A 108 13.76 -12.31 -15.83
C MET A 108 15.07 -12.04 -15.15
N GLU A 109 16.02 -12.96 -15.32
CA GLU A 109 17.35 -12.89 -14.74
C GLU A 109 18.17 -11.77 -15.34
N ILE A 110 18.17 -11.66 -16.69
CA ILE A 110 18.89 -10.62 -17.42
C ILE A 110 18.30 -9.25 -17.07
N THR A 111 16.94 -9.17 -17.02
CA THR A 111 16.22 -7.94 -16.66
C THR A 111 16.48 -7.56 -15.21
N ALA A 112 16.42 -8.52 -14.25
CA ALA A 112 16.70 -8.28 -12.82
C ALA A 112 18.08 -7.65 -12.60
N GLU A 113 19.15 -8.31 -13.14
CA GLU A 113 20.53 -7.84 -13.09
C GLU A 113 20.69 -6.39 -13.56
N TRP A 114 20.11 -6.07 -14.70
CA TRP A 114 20.18 -4.74 -15.31
C TRP A 114 19.38 -3.73 -14.51
N LEU A 115 18.17 -4.15 -14.04
CA LEU A 115 17.33 -3.25 -13.29
C LEU A 115 17.99 -2.83 -11.96
N TRP A 116 18.66 -3.76 -11.29
CA TRP A 116 19.35 -3.48 -10.04
C TRP A 116 20.52 -2.53 -10.21
N ARG A 117 21.34 -2.74 -11.27
CA ARG A 117 22.46 -1.85 -11.60
C ARG A 117 21.94 -0.44 -11.92
N THR A 118 20.81 -0.31 -12.65
CA THR A 118 20.19 0.98 -12.98
C THR A 118 19.72 1.70 -11.71
N LEU A 119 19.08 0.94 -10.80
CA LEU A 119 18.56 1.47 -9.53
C LEU A 119 19.65 1.90 -8.56
N GLY A 120 20.82 1.27 -8.67
CA GLY A 120 21.95 1.59 -7.82
C GLY A 120 23.06 2.40 -8.46
N ARG A 121 22.79 3.06 -9.60
CA ARG A 121 23.78 3.87 -10.33
C ARG A 121 24.31 5.12 -9.55
N ASN A 122 23.50 5.68 -8.64
CA ASN A 122 23.82 6.86 -7.83
C ASN A 122 23.82 6.49 -6.36
N LYS A 123 22.79 5.77 -5.90
CA LYS A 123 22.68 5.32 -4.51
C LYS A 123 23.51 4.08 -4.25
N ARG A 124 23.89 3.86 -3.00
CA ARG A 124 24.63 2.68 -2.56
C ARG A 124 23.87 2.04 -1.37
N PRO A 125 23.58 0.71 -1.36
CA PRO A 125 22.88 0.15 -0.20
C PRO A 125 23.65 0.43 1.10
N ARG A 126 22.91 0.52 2.20
CA ARG A 126 23.47 0.78 3.53
C ARG A 126 22.53 0.23 4.58
N LEU A 127 23.08 -0.01 5.78
CA LEU A 127 22.32 -0.54 6.90
C LEU A 127 21.46 0.55 7.52
N CYS A 128 20.29 0.16 8.02
CA CYS A 128 19.46 1.13 8.72
C CYS A 128 19.65 0.91 10.21
N THR A 129 19.45 1.96 11.00
CA THR A 129 19.83 1.96 12.41
C THR A 129 18.73 1.85 13.44
N ARG A 130 19.14 1.55 14.69
CA ARG A 130 18.35 1.49 15.91
C ARG A 130 17.71 2.85 16.15
N GLU A 131 18.45 3.93 15.87
CA GLU A 131 17.99 5.30 16.06
C GLU A 131 17.07 5.75 14.91
N GLU A 132 17.15 5.12 13.71
CA GLU A 132 16.24 5.44 12.60
C GLU A 132 14.87 4.84 12.91
N PHE A 133 14.87 3.56 13.30
CA PHE A 133 13.68 2.79 13.68
C PHE A 133 13.00 3.46 14.87
N THR A 134 13.77 3.79 15.94
CA THR A 134 13.33 4.50 17.16
C THR A 134 12.63 5.81 16.77
N LYS A 135 13.30 6.68 15.97
CA LYS A 135 12.75 7.95 15.50
C LYS A 135 11.43 7.75 14.75
N LYS A 136 11.33 6.67 13.93
CA LYS A 136 10.12 6.34 13.16
C LYS A 136 8.97 5.93 14.08
N VAL A 137 9.24 5.05 15.07
CA VAL A 137 8.27 4.55 16.05
C VAL A 137 7.69 5.73 16.90
N ARG A 138 8.58 6.67 17.30
CA ARG A 138 8.24 7.87 18.06
C ARG A 138 7.32 8.79 17.24
N THR A 139 7.70 9.09 15.97
CA THR A 139 6.97 9.97 15.05
C THR A 139 5.75 9.28 14.41
N ASN A 140 5.42 8.04 14.83
CA ASN A 140 4.25 7.35 14.32
C ASN A 140 3.07 7.54 15.27
N ALA A 141 3.29 7.22 16.58
CA ALA A 141 2.28 7.36 17.64
C ALA A 141 1.97 8.84 17.93
N ALA A 142 3.04 9.68 18.04
CA ALA A 142 2.94 11.11 18.29
C ALA A 142 2.81 11.89 16.98
N ASP A 154 1.60 -0.16 18.72
CA ASP A 154 1.30 0.92 19.66
C ASP A 154 2.31 0.94 20.82
N SER A 155 2.38 -0.17 21.59
CA SER A 155 3.31 -0.34 22.72
C SER A 155 4.75 -0.56 22.21
N ALA A 156 4.98 -0.20 20.93
CA ALA A 156 6.26 -0.27 20.26
C ALA A 156 7.19 0.79 20.82
N LYS A 157 6.62 1.94 21.27
CA LYS A 157 7.39 3.04 21.88
C LYS A 157 7.93 2.59 23.24
N ALA A 158 7.19 1.73 23.95
CA ALA A 158 7.59 1.17 25.23
C ALA A 158 8.80 0.23 25.07
N ALA A 159 8.75 -0.63 24.02
CA ALA A 159 9.77 -1.61 23.67
C ALA A 159 11.06 -0.93 23.16
N VAL A 160 10.91 0.12 22.33
CA VAL A 160 11.99 0.90 21.74
C VAL A 160 12.79 1.63 22.84
N GLU A 161 12.08 2.10 23.90
CA GLU A 161 12.62 2.78 25.08
C GLU A 161 13.32 1.77 26.02
N ASP A 162 12.92 0.49 25.97
CA ASP A 162 13.53 -0.56 26.77
C ASP A 162 14.82 -1.08 26.11
N GLU A 163 15.95 -0.99 26.85
CA GLU A 163 17.28 -1.46 26.41
C GLU A 163 17.33 -2.99 26.33
N GLU A 164 16.46 -3.69 27.08
CA GLU A 164 16.34 -5.15 27.08
C GLU A 164 15.81 -5.68 25.74
N PHE A 165 15.08 -4.82 24.97
CA PHE A 165 14.55 -5.15 23.64
C PHE A 165 15.70 -5.18 22.65
N TRP A 166 16.55 -4.17 22.72
CA TRP A 166 17.71 -4.01 21.86
C TRP A 166 18.72 -5.14 22.05
N LYS A 167 18.73 -5.77 23.23
CA LYS A 167 19.57 -6.91 23.62
C LYS A 167 19.18 -8.19 22.88
N LEU A 168 17.85 -8.46 22.76
CA LEU A 168 17.30 -9.62 22.03
C LEU A 168 17.62 -9.48 20.56
N VAL A 169 17.50 -8.23 20.03
CA VAL A 169 17.77 -7.82 18.65
C VAL A 169 19.18 -8.30 18.30
N ASP A 170 20.18 -7.93 19.15
CA ASP A 170 21.59 -8.30 19.07
C ASP A 170 21.80 -9.81 19.10
N ARG A 171 21.09 -10.52 20.00
CA ARG A 171 21.16 -11.97 20.12
C ARG A 171 20.73 -12.62 18.80
N GLU A 172 19.54 -12.19 18.26
CA GLU A 172 18.98 -12.66 17.00
C GLU A 172 19.93 -12.32 15.83
N ARG A 173 20.46 -11.10 15.80
CA ARG A 173 21.44 -10.66 14.82
C ARG A 173 22.68 -11.56 14.82
N GLU A 174 23.14 -12.00 16.02
CA GLU A 174 24.29 -12.91 16.08
C GLU A 174 23.93 -14.26 15.48
N LEU A 175 22.68 -14.70 15.65
CA LEU A 175 22.21 -15.94 15.02
C LEU A 175 22.20 -15.79 13.52
N HIS A 176 21.70 -14.62 13.01
CA HIS A 176 21.63 -14.26 11.59
C HIS A 176 23.00 -14.26 10.91
N LYS A 177 24.04 -13.82 11.65
CA LYS A 177 25.44 -13.73 11.19
C LYS A 177 26.03 -15.13 11.10
N LEU A 178 25.46 -16.07 11.86
CA LEU A 178 25.79 -17.49 11.88
C LEU A 178 24.90 -18.23 10.86
N GLY A 179 24.05 -17.48 10.16
CA GLY A 179 23.12 -17.99 9.17
C GLY A 179 22.01 -18.84 9.74
N LYS A 180 21.60 -18.51 10.98
CA LYS A 180 20.56 -19.17 11.75
C LYS A 180 19.48 -18.13 12.15
N CYS A 181 18.30 -18.60 12.54
CA CYS A 181 17.17 -17.75 12.92
C CYS A 181 16.40 -18.43 14.06
N GLY A 182 16.11 -17.68 15.10
CA GLY A 182 15.39 -18.23 16.24
C GLY A 182 14.05 -17.62 16.56
N SER A 183 13.81 -16.37 16.12
CA SER A 183 12.56 -15.71 16.49
C SER A 183 11.90 -14.87 15.39
N CYS A 184 12.34 -14.99 14.12
CA CYS A 184 11.73 -14.16 13.06
C CYS A 184 10.55 -14.89 12.38
N VAL A 185 9.38 -14.72 13.00
CA VAL A 185 8.10 -15.33 12.60
C VAL A 185 7.11 -14.24 12.19
N TYR A 186 6.56 -14.40 10.98
CA TYR A 186 5.58 -13.50 10.39
C TYR A 186 4.18 -13.86 10.95
N ASN A 187 3.42 -12.85 11.39
CA ASN A 187 2.06 -13.03 11.92
C ASN A 187 1.00 -12.61 10.89
N MET A 188 0.07 -13.52 10.56
CA MET A 188 -1.02 -13.24 9.60
C MET A 188 -2.08 -12.31 10.15
N SER A 205 2.77 -12.41 25.75
CA SER A 205 3.47 -11.56 26.71
C SER A 205 4.26 -10.46 25.97
N ARG A 206 5.15 -9.73 26.70
CA ARG A 206 6.00 -8.71 26.10
C ARG A 206 7.14 -9.38 25.30
N ALA A 207 7.54 -10.61 25.71
CA ALA A 207 8.57 -11.43 25.09
C ALA A 207 8.29 -11.72 23.60
N ILE A 208 7.04 -12.14 23.27
CA ILE A 208 6.63 -12.44 21.89
C ILE A 208 6.49 -11.16 21.07
N TRP A 209 5.99 -10.07 21.70
CA TRP A 209 5.86 -8.75 21.06
C TRP A 209 7.25 -8.20 20.71
N TYR A 210 8.24 -8.40 21.62
CA TYR A 210 9.65 -7.99 21.46
C TYR A 210 10.31 -8.76 20.31
N MET A 211 9.95 -10.05 20.15
CA MET A 211 10.42 -10.96 19.10
C MET A 211 9.87 -10.56 17.74
N TRP A 212 8.62 -10.04 17.71
CA TRP A 212 7.97 -9.55 16.49
C TRP A 212 8.61 -8.23 16.05
N LEU A 213 8.59 -7.21 16.94
CA LEU A 213 9.14 -5.89 16.67
C LEU A 213 10.66 -5.92 16.37
N GLY A 214 11.34 -6.94 16.90
CA GLY A 214 12.77 -7.18 16.71
C GLY A 214 13.06 -7.82 15.37
N VAL A 215 12.14 -8.72 14.93
CA VAL A 215 12.17 -9.36 13.60
C VAL A 215 11.98 -8.25 12.58
N ARG A 216 11.01 -7.33 12.85
CA ARG A 216 10.74 -6.18 11.99
C ARG A 216 11.89 -5.22 12.01
N TYR A 217 12.59 -5.03 13.18
CA TYR A 217 13.77 -4.15 13.20
C TYR A 217 14.91 -4.72 12.34
N LEU A 218 15.16 -6.04 12.45
CA LEU A 218 16.26 -6.68 11.73
C LEU A 218 16.09 -6.58 10.23
N GLU A 219 14.85 -6.75 9.75
CA GLU A 219 14.49 -6.63 8.34
C GLU A 219 14.61 -5.15 7.95
N PHE A 220 14.21 -4.23 8.85
CA PHE A 220 14.34 -2.80 8.61
C PHE A 220 15.82 -2.42 8.48
N GLU A 221 16.67 -3.00 9.31
CA GLU A 221 18.13 -2.82 9.29
C GLU A 221 18.77 -3.24 7.95
N ALA A 222 18.43 -4.43 7.43
CA ALA A 222 18.99 -4.95 6.19
C ALA A 222 18.33 -4.42 4.90
N LEU A 223 17.01 -4.19 4.91
CA LEU A 223 16.30 -3.77 3.70
C LEU A 223 15.57 -2.43 3.72
N GLY A 224 15.63 -1.72 4.83
CA GLY A 224 14.96 -0.43 4.99
C GLY A 224 15.46 0.67 4.08
N PHE A 225 16.73 0.60 3.67
CA PHE A 225 17.40 1.57 2.79
C PHE A 225 16.61 1.80 1.49
N LEU A 226 15.84 0.81 1.03
CA LEU A 226 15.04 0.95 -0.20
C LEU A 226 13.95 1.98 -0.07
N ASN A 227 13.35 2.06 1.13
CA ASN A 227 12.31 3.02 1.50
C ASN A 227 12.98 4.32 2.00
N GLU A 228 13.85 4.22 3.02
CA GLU A 228 14.56 5.34 3.68
C GLU A 228 15.42 6.13 2.75
N ASP A 229 16.05 5.49 1.74
CA ASP A 229 16.87 6.23 0.77
C ASP A 229 16.18 6.36 -0.60
N HIS A 230 14.83 6.18 -0.60
CA HIS A 230 13.90 6.32 -1.71
C HIS A 230 14.40 5.76 -3.04
N TRP A 231 14.73 4.46 -3.07
CA TRP A 231 15.21 3.83 -4.31
C TRP A 231 14.17 3.79 -5.42
N PHE A 232 12.88 3.84 -5.06
CA PHE A 232 11.82 3.77 -6.03
C PHE A 232 11.11 5.13 -6.24
N SER A 233 11.85 6.23 -6.04
CA SER A 233 11.36 7.58 -6.33
C SER A 233 11.34 7.70 -7.87
N ARG A 234 10.58 8.65 -8.43
CA ARG A 234 10.54 8.74 -9.89
C ARG A 234 11.90 9.06 -10.50
N GLU A 235 12.67 9.89 -9.79
CA GLU A 235 13.98 10.32 -10.24
C GLU A 235 14.97 9.14 -10.24
N ASN A 236 14.99 8.32 -9.18
CA ASN A 236 15.93 7.20 -9.19
C ASN A 236 15.47 5.97 -9.99
N SER A 237 14.15 5.68 -10.04
CA SER A 237 13.70 4.47 -10.72
C SER A 237 13.08 4.64 -12.09
N TYR A 238 12.73 5.88 -12.50
CA TYR A 238 12.06 6.21 -13.77
C TYR A 238 10.57 5.82 -13.72
N SER A 239 10.22 4.56 -13.41
CA SER A 239 8.84 4.04 -13.32
C SER A 239 8.18 4.33 -11.98
N GLY A 240 9.01 4.32 -10.92
CA GLY A 240 8.58 4.50 -9.55
C GLY A 240 7.88 5.80 -9.26
N VAL A 241 7.20 5.84 -8.12
CA VAL A 241 6.41 7.00 -7.68
C VAL A 241 6.50 7.13 -6.14
N GLU A 242 7.49 6.46 -5.52
CA GLU A 242 7.67 6.48 -4.06
C GLU A 242 8.09 7.89 -3.56
N GLY A 243 7.38 8.38 -2.56
CA GLY A 243 7.67 9.69 -1.97
C GLY A 243 7.08 10.85 -2.72
N GLU A 244 6.36 10.59 -3.83
CA GLU A 244 5.74 11.63 -4.67
C GLU A 244 4.45 12.12 -4.01
N GLY A 245 3.60 11.18 -3.59
CA GLY A 245 2.34 11.50 -2.93
C GLY A 245 1.17 11.49 -3.88
N LEU A 246 -0.01 11.18 -3.35
CA LEU A 246 -1.26 11.09 -4.10
C LEU A 246 -1.52 12.32 -4.97
N HIS A 247 -1.28 13.54 -4.45
CA HIS A 247 -1.55 14.80 -5.18
C HIS A 247 -0.71 14.96 -6.47
N LYS A 248 0.39 14.19 -6.60
CA LYS A 248 1.30 14.20 -7.75
C LYS A 248 1.07 13.08 -8.76
N LEU A 249 0.47 11.95 -8.35
CA LEU A 249 0.30 10.80 -9.25
C LEU A 249 -0.40 11.10 -10.59
N GLY A 250 -1.40 11.98 -10.57
CA GLY A 250 -2.19 12.39 -11.72
C GLY A 250 -1.35 13.11 -12.75
N TYR A 251 -0.52 14.07 -12.29
CA TYR A 251 0.44 14.81 -13.13
C TYR A 251 1.48 13.90 -13.74
N ILE A 252 1.93 12.89 -13.00
CA ILE A 252 2.83 11.85 -13.51
C ILE A 252 2.12 11.12 -14.71
N LEU A 253 0.84 10.69 -14.55
CA LEU A 253 0.08 10.01 -15.66
C LEU A 253 -0.13 10.93 -16.86
N ARG A 254 -0.42 12.23 -16.59
CA ARG A 254 -0.58 13.22 -17.65
C ARG A 254 0.70 13.41 -18.46
N ASP A 255 1.88 13.38 -17.80
CA ASP A 255 3.20 13.42 -18.42
C ASP A 255 3.49 12.12 -19.21
N ILE A 256 3.08 10.94 -18.71
CA ILE A 256 3.24 9.68 -19.46
C ILE A 256 2.38 9.77 -20.75
N SER A 257 1.18 10.39 -20.67
CA SER A 257 0.27 10.55 -21.82
C SER A 257 0.88 11.34 -23.01
N LYS A 258 1.89 12.18 -22.75
CA LYS A 258 2.60 12.98 -23.76
C LYS A 258 3.58 12.12 -24.54
N ILE A 259 4.07 11.01 -23.94
CA ILE A 259 5.02 10.10 -24.59
C ILE A 259 4.33 9.42 -25.76
N PRO A 260 4.86 9.52 -26.99
CA PRO A 260 4.21 8.82 -28.13
C PRO A 260 4.18 7.30 -27.93
N GLY A 261 3.11 6.66 -28.39
CA GLY A 261 2.93 5.24 -28.29
C GLY A 261 1.48 4.82 -28.35
N GLY A 262 1.18 3.61 -27.90
CA GLY A 262 -0.17 3.06 -27.87
C GLY A 262 -0.96 3.57 -26.70
N ALA A 263 -2.04 2.88 -26.37
CA ALA A 263 -2.89 3.26 -25.25
C ALA A 263 -2.17 3.02 -23.90
N MET A 264 -2.75 3.53 -22.81
CA MET A 264 -2.22 3.36 -21.46
C MET A 264 -2.94 2.17 -20.87
N TYR A 265 -2.16 1.15 -20.48
CA TYR A 265 -2.65 -0.10 -19.88
C TYR A 265 -2.41 -0.11 -18.37
N ALA A 266 -3.40 -0.60 -17.59
CA ALA A 266 -3.34 -0.67 -16.14
C ALA A 266 -4.01 -1.96 -15.62
N ASP A 267 -3.38 -3.13 -15.92
CA ASP A 267 -3.91 -4.43 -15.52
C ASP A 267 -3.61 -4.81 -14.10
N ASP A 268 -4.68 -5.21 -13.35
CA ASP A 268 -4.56 -5.66 -11.97
C ASP A 268 -4.18 -7.13 -11.99
N THR A 269 -3.31 -7.54 -11.05
CA THR A 269 -2.88 -8.93 -10.88
C THR A 269 -3.77 -9.53 -9.79
N ALA A 270 -4.21 -10.78 -10.01
CA ALA A 270 -5.04 -11.49 -9.06
C ALA A 270 -4.11 -11.95 -7.92
N GLY A 271 -4.18 -11.25 -6.79
CA GLY A 271 -3.39 -11.53 -5.59
C GLY A 271 -1.90 -11.61 -5.84
N TRP A 272 -1.29 -10.46 -6.14
CA TRP A 272 0.12 -10.32 -6.49
C TRP A 272 1.09 -11.04 -5.56
N ASP A 273 0.95 -10.83 -4.23
CA ASP A 273 1.83 -11.39 -3.20
C ASP A 273 1.89 -12.92 -3.18
N THR A 274 0.79 -13.57 -3.60
CA THR A 274 0.70 -15.03 -3.71
C THR A 274 1.27 -15.47 -5.06
N ARG A 275 1.56 -14.51 -5.96
CA ARG A 275 2.12 -14.81 -7.27
C ARG A 275 3.64 -14.57 -7.35
N ILE A 276 4.29 -14.22 -6.21
CA ILE A 276 5.73 -14.05 -6.12
C ILE A 276 6.35 -15.44 -6.01
N THR A 277 7.05 -15.86 -7.08
CA THR A 277 7.68 -17.16 -7.27
C THR A 277 9.06 -17.22 -6.60
N GLU A 278 9.68 -18.43 -6.58
CA GLU A 278 11.02 -18.65 -6.01
C GLU A 278 12.03 -17.93 -6.93
N ASP A 279 11.72 -17.90 -8.23
CA ASP A 279 12.53 -17.21 -9.22
C ASP A 279 12.46 -15.69 -9.00
N ASP A 280 11.30 -15.17 -8.51
CA ASP A 280 11.19 -13.73 -8.21
C ASP A 280 12.11 -13.38 -7.05
N LEU A 281 12.01 -14.16 -5.96
CA LEU A 281 12.80 -14.00 -4.75
C LEU A 281 14.29 -14.02 -4.99
N HIS A 282 14.73 -14.96 -5.82
CA HIS A 282 16.14 -15.10 -6.14
CA HIS A 282 16.13 -15.16 -6.23
C HIS A 282 16.63 -13.93 -7.00
N ASN A 283 15.77 -13.39 -7.88
CA ASN A 283 16.08 -12.23 -8.72
C ASN A 283 16.14 -10.95 -7.87
N GLU A 284 15.23 -10.84 -6.87
CA GLU A 284 15.14 -9.71 -5.96
C GLU A 284 16.40 -9.63 -5.08
N GLU A 285 16.95 -10.80 -4.74
CA GLU A 285 18.12 -11.01 -3.87
C GLU A 285 19.42 -10.47 -4.44
N LYS A 286 19.52 -10.31 -5.79
CA LYS A 286 20.70 -9.78 -6.51
C LYS A 286 21.17 -8.40 -6.02
N ILE A 287 20.33 -7.73 -5.22
CA ILE A 287 20.67 -6.43 -4.64
C ILE A 287 21.86 -6.56 -3.65
N ILE A 288 21.99 -7.75 -2.98
CA ILE A 288 23.06 -8.03 -2.00
C ILE A 288 24.47 -7.87 -2.63
N GLN A 289 24.57 -8.03 -3.97
CA GLN A 289 25.81 -7.87 -4.73
C GLN A 289 26.38 -6.46 -4.62
N GLN A 290 25.52 -5.45 -4.46
CA GLN A 290 25.92 -4.04 -4.37
C GLN A 290 26.20 -3.58 -2.93
N MET A 291 26.09 -4.50 -1.96
CA MET A 291 26.21 -4.18 -0.53
C MET A 291 27.59 -4.42 0.08
N ASP A 292 27.95 -3.63 1.09
CA ASP A 292 29.19 -3.84 1.85
C ASP A 292 29.13 -5.20 2.56
N PRO A 293 30.27 -5.88 2.79
CA PRO A 293 30.22 -7.25 3.35
C PRO A 293 29.38 -7.43 4.62
N GLU A 294 29.47 -6.50 5.58
CA GLU A 294 28.67 -6.58 6.82
C GLU A 294 27.14 -6.39 6.54
N HIS A 295 26.80 -5.58 5.52
CA HIS A 295 25.41 -5.35 5.12
C HIS A 295 24.91 -6.57 4.34
N ARG A 296 25.71 -7.04 3.35
CA ARG A 296 25.42 -8.21 2.54
C ARG A 296 25.07 -9.45 3.38
N GLN A 297 25.80 -9.65 4.49
CA GLN A 297 25.64 -10.78 5.40
C GLN A 297 24.29 -10.76 6.14
N LEU A 298 23.89 -9.57 6.59
CA LEU A 298 22.64 -9.39 7.32
C LEU A 298 21.43 -9.44 6.38
N ALA A 299 21.59 -8.92 5.13
CA ALA A 299 20.57 -8.90 4.08
C ALA A 299 20.36 -10.29 3.54
N ASN A 300 21.46 -11.04 3.36
CA ASN A 300 21.40 -12.43 2.93
C ASN A 300 20.61 -13.25 3.96
N ALA A 301 20.76 -12.92 5.26
CA ALA A 301 20.05 -13.59 6.34
C ALA A 301 18.55 -13.33 6.26
N ILE A 302 18.14 -12.09 5.92
CA ILE A 302 16.72 -11.74 5.79
C ILE A 302 16.08 -12.50 4.62
N PHE A 303 16.74 -12.49 3.43
CA PHE A 303 16.31 -13.17 2.22
C PHE A 303 16.24 -14.65 2.38
N LYS A 304 17.36 -15.28 2.73
CA LYS A 304 17.45 -16.73 2.86
C LYS A 304 16.56 -17.32 3.96
N LEU A 305 16.48 -16.65 5.14
CA LEU A 305 15.76 -17.19 6.30
C LEU A 305 14.35 -16.67 6.50
N THR A 306 13.99 -15.46 6.05
CA THR A 306 12.65 -14.93 6.34
C THR A 306 11.80 -14.63 5.06
N TYR A 307 12.40 -14.79 3.84
CA TYR A 307 11.70 -14.56 2.57
C TYR A 307 11.63 -15.86 1.74
N GLN A 308 12.79 -16.48 1.48
CA GLN A 308 12.92 -17.72 0.71
C GLN A 308 12.60 -18.96 1.54
N ASN A 309 12.30 -18.72 2.82
CA ASN A 309 11.89 -19.66 3.86
C ASN A 309 11.15 -18.80 4.83
N LYS A 310 10.07 -19.30 5.41
CA LYS A 310 9.33 -18.52 6.40
C LYS A 310 8.50 -19.39 7.28
N VAL A 311 8.35 -18.95 8.54
CA VAL A 311 7.54 -19.59 9.54
C VAL A 311 6.43 -18.58 9.81
N VAL A 312 5.17 -19.01 9.63
CA VAL A 312 4.02 -18.13 9.79
C VAL A 312 3.11 -18.63 10.93
N LYS A 313 2.43 -17.68 11.60
CA LYS A 313 1.45 -17.85 12.68
C LYS A 313 0.07 -17.40 12.15
N VAL A 314 -0.94 -18.29 12.24
CA VAL A 314 -2.30 -17.93 11.79
C VAL A 314 -3.37 -18.53 12.73
N GLN A 315 -4.32 -17.67 13.17
CA GLN A 315 -5.42 -18.03 14.06
C GLN A 315 -6.51 -18.82 13.33
N ARG A 316 -6.91 -19.95 13.93
CA ARG A 316 -7.94 -20.84 13.37
C ARG A 316 -8.99 -21.26 14.42
N PRO A 317 -10.31 -21.04 14.17
CA PRO A 317 -11.30 -21.51 15.14
C PRO A 317 -11.50 -23.02 15.00
N THR A 318 -11.87 -23.69 16.10
CA THR A 318 -12.09 -25.14 16.17
C THR A 318 -13.33 -25.44 17.06
N PRO A 319 -13.91 -26.67 17.04
CA PRO A 319 -15.04 -26.95 17.95
C PRO A 319 -14.66 -26.87 19.45
N THR A 320 -13.34 -26.88 19.76
CA THR A 320 -12.81 -26.80 21.12
C THR A 320 -11.94 -25.53 21.34
N GLY A 321 -12.40 -24.38 20.82
CA GLY A 321 -11.73 -23.08 20.98
C GLY A 321 -11.10 -22.45 19.76
N THR A 322 -9.95 -21.76 19.96
CA THR A 322 -9.15 -21.06 18.94
C THR A 322 -7.68 -21.49 19.08
N VAL A 323 -7.04 -21.84 17.95
CA VAL A 323 -5.63 -22.24 17.94
C VAL A 323 -4.79 -21.32 17.04
N MET A 324 -3.46 -21.29 17.26
CA MET A 324 -2.51 -20.55 16.43
C MET A 324 -1.71 -21.62 15.68
N ASP A 325 -1.87 -21.68 14.36
CA ASP A 325 -1.21 -22.68 13.51
C ASP A 325 0.19 -22.21 13.11
N ILE A 326 1.12 -23.17 12.98
CA ILE A 326 2.50 -22.91 12.57
C ILE A 326 2.72 -23.52 11.18
N ILE A 327 2.72 -22.65 10.17
CA ILE A 327 2.87 -23.02 8.76
C ILE A 327 4.16 -22.47 8.16
N SER A 328 4.57 -23.01 7.00
CA SER A 328 5.78 -22.60 6.30
C SER A 328 5.73 -22.86 4.79
N ARG A 329 6.46 -22.04 4.00
CA ARG A 329 6.65 -22.20 2.56
C ARG A 329 7.91 -21.47 2.07
N LYS A 330 8.38 -21.82 0.86
CA LYS A 330 9.61 -21.26 0.31
C LYS A 330 9.38 -20.07 -0.64
N ASP A 331 8.11 -19.75 -0.95
CA ASP A 331 7.79 -18.65 -1.85
C ASP A 331 6.61 -17.81 -1.36
N GLN A 332 6.17 -16.86 -2.17
CA GLN A 332 5.13 -15.88 -1.87
C GLN A 332 5.75 -14.77 -1.03
N ARG A 333 5.04 -13.65 -0.96
CA ARG A 333 5.42 -12.45 -0.25
C ARG A 333 4.54 -12.28 0.99
N GLY A 334 5.20 -12.03 2.13
CA GLY A 334 4.53 -11.68 3.38
C GLY A 334 4.17 -10.22 3.22
N SER A 335 2.88 -9.89 3.24
CA SER A 335 2.39 -8.52 2.99
C SER A 335 2.73 -7.48 4.07
N GLY A 336 2.99 -7.93 5.29
CA GLY A 336 3.31 -7.04 6.41
C GLY A 336 4.70 -6.43 6.40
N GLN A 337 5.70 -7.22 5.97
CA GLN A 337 7.14 -6.93 5.88
C GLN A 337 7.53 -5.56 5.27
N VAL A 338 8.71 -5.03 5.69
CA VAL A 338 9.36 -3.76 5.31
C VAL A 338 9.65 -3.69 3.78
N GLY A 339 10.27 -4.76 3.28
CA GLY A 339 10.69 -4.81 1.88
C GLY A 339 9.61 -5.07 0.86
N THR A 340 8.36 -5.34 1.30
CA THR A 340 7.21 -5.70 0.46
C THR A 340 6.94 -4.67 -0.61
N TYR A 341 6.77 -3.39 -0.26
CA TYR A 341 6.49 -2.35 -1.28
C TYR A 341 7.57 -2.27 -2.35
N GLY A 342 8.84 -2.13 -1.93
CA GLY A 342 10.02 -2.01 -2.78
C GLY A 342 10.27 -3.20 -3.68
N LEU A 343 10.34 -4.41 -3.11
CA LEU A 343 10.58 -5.64 -3.87
C LEU A 343 9.39 -5.98 -4.80
N ASN A 344 8.16 -5.53 -4.46
CA ASN A 344 7.02 -5.68 -5.36
C ASN A 344 7.17 -4.68 -6.49
N THR A 345 7.61 -3.43 -6.16
CA THR A 345 7.81 -2.39 -7.19
C THR A 345 8.86 -2.89 -8.17
N PHE A 346 10.00 -3.38 -7.66
CA PHE A 346 11.09 -3.98 -8.44
C PHE A 346 10.60 -5.08 -9.38
N THR A 347 9.97 -6.12 -8.86
CA THR A 347 9.51 -7.27 -9.67
C THR A 347 8.44 -6.85 -10.73
N ASN A 348 7.56 -5.89 -10.40
CA ASN A 348 6.55 -5.40 -11.36
C ASN A 348 7.18 -4.62 -12.52
N MET A 349 8.22 -3.81 -12.23
CA MET A 349 9.00 -3.04 -13.21
C MET A 349 9.67 -4.03 -14.17
N GLU A 350 10.23 -5.10 -13.60
CA GLU A 350 10.87 -6.20 -14.32
C GLU A 350 9.84 -6.89 -15.21
N ALA A 351 8.70 -7.32 -14.63
CA ALA A 351 7.61 -8.01 -15.30
C ALA A 351 7.07 -7.18 -16.47
N GLN A 352 6.86 -5.86 -16.24
CA GLN A 352 6.38 -4.96 -17.29
C GLN A 352 7.40 -4.72 -18.40
N LEU A 353 8.71 -4.69 -18.07
CA LEU A 353 9.76 -4.53 -19.11
C LEU A 353 9.76 -5.75 -20.03
N VAL A 354 9.64 -6.97 -19.44
CA VAL A 354 9.54 -8.25 -20.15
C VAL A 354 8.26 -8.24 -21.06
N ARG A 355 7.11 -7.79 -20.53
CA ARG A 355 5.89 -7.72 -21.34
C ARG A 355 6.06 -6.76 -22.53
N GLN A 356 6.77 -5.62 -22.32
CA GLN A 356 7.06 -4.65 -23.37
C GLN A 356 7.93 -5.26 -24.51
N MET A 357 8.94 -6.11 -24.14
CA MET A 357 9.85 -6.84 -25.05
C MET A 357 9.03 -7.79 -25.93
N GLU A 358 8.05 -8.50 -25.34
CA GLU A 358 7.13 -9.40 -26.03
C GLU A 358 6.23 -8.58 -26.98
N GLY A 359 5.74 -7.44 -26.49
CA GLY A 359 4.93 -6.52 -27.29
C GLY A 359 5.65 -6.09 -28.54
N GLU A 360 6.94 -5.79 -28.39
CA GLU A 360 7.82 -5.33 -29.47
C GLU A 360 8.40 -6.44 -30.36
N GLY A 361 8.09 -7.69 -30.08
CA GLY A 361 8.60 -8.80 -30.89
C GLY A 361 10.02 -9.22 -30.58
N VAL A 362 10.61 -8.65 -29.50
CA VAL A 362 11.94 -8.99 -28.98
C VAL A 362 11.88 -10.40 -28.34
N LEU A 363 10.75 -10.77 -27.73
CA LEU A 363 10.56 -12.06 -27.08
C LEU A 363 9.45 -12.81 -27.72
N THR A 364 9.73 -14.04 -28.18
CA THR A 364 8.74 -14.89 -28.84
C THR A 364 8.37 -16.02 -27.90
N LYS A 365 7.32 -16.78 -28.28
CA LYS A 365 6.83 -17.98 -27.58
C LYS A 365 7.98 -19.03 -27.51
N ALA A 366 8.74 -19.20 -28.63
CA ALA A 366 9.87 -20.11 -28.76
C ALA A 366 10.99 -19.74 -27.79
N ASP A 367 11.22 -18.43 -27.59
CA ASP A 367 12.23 -17.90 -26.65
C ASP A 367 11.93 -18.27 -25.19
N LEU A 368 10.64 -18.17 -24.77
CA LEU A 368 10.19 -18.48 -23.41
C LEU A 368 10.31 -19.96 -23.08
N GLU A 369 10.24 -20.82 -24.11
CA GLU A 369 10.35 -22.27 -23.97
C GLU A 369 11.83 -22.70 -23.96
N ASN A 370 12.71 -21.83 -24.51
CA ASN A 370 14.12 -22.08 -24.75
C ASN A 370 15.08 -21.78 -23.58
N PRO A 371 15.74 -22.82 -22.98
CA PRO A 371 16.72 -22.52 -21.91
C PRO A 371 17.92 -21.75 -22.45
N HIS A 372 18.36 -22.15 -23.65
CA HIS A 372 19.51 -21.62 -24.41
C HIS A 372 19.21 -20.39 -25.25
N LEU A 373 18.13 -19.67 -24.92
CA LEU A 373 17.75 -18.42 -25.59
C LEU A 373 18.91 -17.40 -25.56
N LEU A 374 19.10 -16.67 -26.67
CA LEU A 374 20.18 -15.70 -26.84
C LEU A 374 20.02 -14.50 -25.92
N GLU A 375 20.98 -14.32 -25.01
CA GLU A 375 21.02 -13.22 -24.05
C GLU A 375 21.26 -11.87 -24.72
N LYS A 376 21.98 -11.88 -25.85
CA LYS A 376 22.38 -10.75 -26.69
C LYS A 376 21.23 -9.75 -26.99
N LYS A 377 20.14 -10.22 -27.61
CA LYS A 377 19.03 -9.32 -28.00
C LYS A 377 18.32 -8.67 -26.82
N ILE A 378 18.29 -9.36 -25.64
CA ILE A 378 17.67 -8.87 -24.40
C ILE A 378 18.57 -7.74 -23.84
N THR A 379 19.90 -8.00 -23.77
CA THR A 379 20.90 -7.02 -23.36
C THR A 379 20.89 -5.81 -24.30
N GLN A 380 20.78 -6.05 -25.63
CA GLN A 380 20.77 -4.98 -26.63
C GLN A 380 19.58 -4.07 -26.42
N TRP A 381 18.38 -4.66 -26.24
CA TRP A 381 17.13 -3.94 -25.95
C TRP A 381 17.22 -3.20 -24.62
N LEU A 382 17.74 -3.84 -23.56
CA LEU A 382 17.84 -3.16 -22.25
C LEU A 382 18.81 -1.97 -22.24
N GLU A 383 20.00 -2.12 -22.85
CA GLU A 383 21.02 -1.08 -22.93
C GLU A 383 20.65 0.06 -23.90
N THR A 384 19.77 -0.18 -24.88
CA THR A 384 19.40 0.89 -25.82
C THR A 384 18.01 1.49 -25.58
N LYS A 385 17.07 0.70 -25.09
CA LYS A 385 15.68 1.12 -24.92
C LYS A 385 15.15 1.08 -23.49
N GLY A 386 15.84 0.37 -22.59
CA GLY A 386 15.49 0.15 -21.18
C GLY A 386 14.89 1.29 -20.39
N VAL A 387 15.70 2.34 -20.12
CA VAL A 387 15.33 3.58 -19.39
C VAL A 387 14.16 4.29 -20.07
N GLU A 388 14.19 4.43 -21.40
CA GLU A 388 13.10 5.01 -22.15
C GLU A 388 11.81 4.22 -21.89
N ARG A 389 11.91 2.87 -21.88
CA ARG A 389 10.78 1.96 -21.61
C ARG A 389 10.30 2.04 -20.15
N LEU A 390 11.22 2.30 -19.20
CA LEU A 390 10.86 2.50 -17.80
C LEU A 390 10.14 3.84 -17.63
N LYS A 391 10.46 4.84 -18.48
CA LYS A 391 9.85 6.17 -18.38
C LYS A 391 8.37 6.22 -18.84
N ARG A 392 7.90 5.15 -19.53
CA ARG A 392 6.52 4.96 -20.06
C ARG A 392 5.60 4.35 -18.99
N MET A 393 6.09 4.17 -17.76
CA MET A 393 5.37 3.47 -16.71
C MET A 393 5.30 4.20 -15.39
N ALA A 394 4.23 3.94 -14.64
CA ALA A 394 4.05 4.41 -13.26
C ALA A 394 3.80 3.10 -12.53
N ILE A 395 4.68 2.74 -11.61
CA ILE A 395 4.59 1.44 -10.91
C ILE A 395 4.73 1.62 -9.40
N SER A 396 3.70 1.17 -8.68
CA SER A 396 3.61 1.25 -7.22
C SER A 396 3.18 -0.09 -6.69
N GLY A 397 4.16 -0.90 -6.31
CA GLY A 397 3.92 -2.27 -5.90
C GLY A 397 3.31 -3.05 -7.05
N ASP A 398 2.13 -3.64 -6.83
CA ASP A 398 1.43 -4.42 -7.88
C ASP A 398 0.67 -3.51 -8.90
N ASP A 399 0.58 -2.18 -8.59
CA ASP A 399 -0.09 -1.22 -9.46
C ASP A 399 0.85 -0.72 -10.52
N CYS A 400 0.42 -0.81 -11.77
CA CYS A 400 1.18 -0.35 -12.93
C CYS A 400 0.30 0.33 -13.93
N VAL A 401 0.88 1.29 -14.62
CA VAL A 401 0.31 1.99 -15.75
C VAL A 401 1.44 1.92 -16.77
N VAL A 402 1.18 1.36 -17.95
CA VAL A 402 2.22 1.22 -18.98
C VAL A 402 1.72 1.87 -20.26
N LYS A 403 2.53 2.75 -20.88
CA LYS A 403 2.19 3.32 -22.19
C LYS A 403 3.21 2.78 -23.21
N PRO A 404 2.95 1.57 -23.78
CA PRO A 404 3.93 0.97 -24.71
C PRO A 404 4.13 1.74 -26.03
N ILE A 405 5.11 1.36 -26.86
CA ILE A 405 5.35 2.08 -28.13
C ILE A 405 4.18 1.92 -29.12
N ASP A 406 3.36 0.87 -28.95
CA ASP A 406 2.17 0.56 -29.76
C ASP A 406 1.21 -0.36 -28.99
N ASP A 407 0.14 -0.81 -29.64
CA ASP A 407 -0.85 -1.65 -28.98
C ASP A 407 -0.62 -3.14 -29.16
N ARG A 408 0.55 -3.57 -29.70
CA ARG A 408 0.85 -5.02 -29.76
C ARG A 408 0.88 -5.59 -28.36
N PHE A 409 1.20 -4.75 -27.35
CA PHE A 409 1.28 -4.98 -25.89
C PHE A 409 -0.02 -5.58 -25.37
N ALA A 410 -1.18 -5.08 -25.88
CA ALA A 410 -2.51 -5.60 -25.52
C ALA A 410 -2.56 -7.15 -25.62
N ASN A 411 -1.88 -7.73 -26.64
CA ASN A 411 -1.87 -9.18 -26.88
C ASN A 411 -0.57 -9.91 -26.49
N ALA A 412 0.38 -9.19 -25.90
CA ALA A 412 1.65 -9.74 -25.44
C ALA A 412 1.37 -10.29 -24.04
N LEU A 413 0.80 -11.53 -23.96
CA LEU A 413 0.37 -12.15 -22.68
C LEU A 413 1.09 -13.42 -22.26
N LEU A 414 1.94 -13.95 -23.16
CA LEU A 414 2.67 -15.21 -22.92
C LEU A 414 3.57 -15.15 -21.69
N ALA A 415 4.45 -14.11 -21.60
CA ALA A 415 5.40 -13.92 -20.50
C ALA A 415 4.73 -13.54 -19.20
N LEU A 416 3.77 -12.59 -19.23
CA LEU A 416 3.01 -12.12 -18.05
C LEU A 416 2.35 -13.30 -17.33
N ASN A 417 1.61 -14.13 -18.06
CA ASN A 417 1.00 -15.34 -17.55
C ASN A 417 2.03 -16.36 -17.09
N ASP A 418 3.13 -16.50 -17.85
CA ASP A 418 4.17 -17.47 -17.51
C ASP A 418 4.94 -17.11 -16.21
N MET A 419 5.16 -15.82 -15.98
CA MET A 419 5.85 -15.29 -14.82
C MET A 419 5.00 -15.46 -13.55
N GLY A 420 3.70 -15.71 -13.76
CA GLY A 420 2.70 -15.97 -12.74
C GLY A 420 1.80 -14.79 -12.48
N LYS A 421 2.04 -13.69 -13.19
CA LYS A 421 1.32 -12.44 -12.97
C LYS A 421 0.01 -12.36 -13.81
N VAL A 422 -0.85 -13.36 -13.57
CA VAL A 422 -2.15 -13.56 -14.22
C VAL A 422 -3.09 -12.42 -13.83
N ARG A 423 -3.60 -11.72 -14.84
CA ARG A 423 -4.53 -10.60 -14.67
C ARG A 423 -5.83 -11.01 -13.98
N LYS A 424 -6.37 -10.12 -13.16
CA LYS A 424 -7.59 -10.36 -12.42
C LYS A 424 -8.83 -10.25 -13.31
N ASP A 425 -9.81 -11.15 -13.08
CA ASP A 425 -11.16 -11.21 -13.67
C ASP A 425 -11.20 -11.02 -15.18
N ILE A 426 -10.38 -11.76 -15.93
CA ILE A 426 -10.32 -11.70 -17.39
C ILE A 426 -9.73 -13.03 -17.91
N PRO A 427 -10.33 -13.68 -18.93
CA PRO A 427 -9.72 -14.93 -19.43
C PRO A 427 -8.25 -14.69 -19.76
N GLN A 428 -7.40 -15.64 -19.37
CA GLN A 428 -5.95 -15.60 -19.54
C GLN A 428 -5.44 -15.04 -20.87
N TRP A 429 -6.10 -15.38 -21.98
CA TRP A 429 -5.63 -15.01 -23.31
C TRP A 429 -6.43 -13.91 -23.96
N GLN A 430 -7.42 -13.37 -23.24
CA GLN A 430 -8.18 -12.22 -23.73
C GLN A 430 -7.28 -10.96 -23.74
N PRO A 431 -7.17 -10.25 -24.89
CA PRO A 431 -6.35 -9.03 -24.93
C PRO A 431 -6.72 -8.02 -23.85
N SER A 432 -5.70 -7.36 -23.27
CA SER A 432 -5.88 -6.30 -22.30
C SER A 432 -6.60 -5.14 -22.99
N LYS A 433 -7.45 -4.45 -22.25
CA LYS A 433 -8.10 -3.22 -22.74
C LYS A 433 -7.37 -2.03 -22.10
N GLY A 434 -6.94 -1.10 -22.95
CA GLY A 434 -6.26 0.13 -22.56
C GLY A 434 -7.15 1.36 -22.69
N TRP A 435 -6.63 2.54 -22.29
CA TRP A 435 -7.31 3.84 -22.36
C TRP A 435 -6.55 4.79 -23.18
N HIS A 436 -7.29 5.61 -23.97
CA HIS A 436 -6.68 6.66 -24.77
C HIS A 436 -6.74 8.01 -24.09
N ASP A 437 -7.35 8.06 -22.90
CA ASP A 437 -7.45 9.23 -22.03
CA ASP A 437 -7.47 9.23 -22.05
C ASP A 437 -6.86 8.86 -20.68
N TRP A 438 -5.75 9.54 -20.27
CA TRP A 438 -5.06 9.31 -18.99
C TRP A 438 -5.95 9.50 -17.73
N GLN A 439 -7.06 10.24 -17.89
CA GLN A 439 -8.04 10.54 -16.83
C GLN A 439 -8.96 9.40 -16.53
N GLN A 440 -9.02 8.42 -17.44
CA GLN A 440 -9.88 7.26 -17.25
C GLN A 440 -9.09 6.11 -16.65
N VAL A 441 -7.76 6.24 -16.66
CA VAL A 441 -6.81 5.24 -16.17
C VAL A 441 -6.87 5.02 -14.65
N PRO A 442 -7.19 3.79 -14.19
CA PRO A 442 -7.17 3.53 -12.74
C PRO A 442 -5.73 3.30 -12.28
N PHE A 443 -5.36 3.93 -11.18
CA PHE A 443 -4.05 3.77 -10.57
C PHE A 443 -4.14 4.08 -9.11
N CYS A 444 -3.65 3.15 -8.26
CA CYS A 444 -3.62 3.28 -6.79
C CYS A 444 -5.01 3.61 -6.18
N SER A 445 -6.06 2.87 -6.60
CA SER A 445 -7.47 2.99 -6.14
C SER A 445 -8.05 4.36 -6.52
N HIS A 446 -7.44 5.02 -7.49
CA HIS A 446 -7.84 6.36 -7.87
C HIS A 446 -7.85 6.57 -9.39
N HIS A 447 -8.48 7.67 -9.82
CA HIS A 447 -8.46 8.21 -11.18
C HIS A 447 -8.20 9.70 -10.98
N PHE A 448 -7.75 10.38 -12.03
CA PHE A 448 -7.30 11.75 -11.88
C PHE A 448 -7.95 12.66 -12.87
N HIS A 449 -8.30 13.88 -12.46
CA HIS A 449 -9.01 14.84 -13.32
C HIS A 449 -8.22 16.10 -13.50
N GLU A 450 -8.24 16.63 -14.71
CA GLU A 450 -7.66 17.92 -15.00
C GLU A 450 -8.81 18.92 -14.78
N LEU A 451 -8.63 19.89 -13.85
CA LEU A 451 -9.59 20.96 -13.48
C LEU A 451 -9.04 22.31 -13.91
N ILE A 452 -9.90 23.14 -14.48
CA ILE A 452 -9.56 24.51 -14.86
C ILE A 452 -10.11 25.40 -13.76
N MET A 453 -9.25 26.15 -13.08
CA MET A 453 -9.63 27.06 -12.00
C MET A 453 -10.28 28.32 -12.57
N LYS A 454 -10.98 29.09 -11.70
CA LYS A 454 -11.58 30.37 -12.09
C LYS A 454 -10.53 31.34 -12.72
N ASP A 455 -9.22 31.21 -12.36
CA ASP A 455 -8.15 32.05 -12.95
C ASP A 455 -7.54 31.45 -14.25
N GLY A 456 -8.07 30.31 -14.71
CA GLY A 456 -7.58 29.65 -15.91
C GLY A 456 -6.43 28.69 -15.70
N ARG A 457 -5.84 28.67 -14.47
CA ARG A 457 -4.77 27.71 -14.19
C ARG A 457 -5.38 26.30 -14.09
N LYS A 458 -4.60 25.27 -14.40
CA LYS A 458 -5.06 23.89 -14.35
C LYS A 458 -4.53 23.14 -13.15
N LEU A 459 -5.36 22.29 -12.55
CA LEU A 459 -4.98 21.38 -11.46
C LEU A 459 -5.21 19.97 -11.95
N VAL A 460 -4.42 19.00 -11.48
CA VAL A 460 -4.66 17.58 -11.76
C VAL A 460 -4.89 16.97 -10.37
N VAL A 461 -6.13 16.52 -10.12
CA VAL A 461 -6.62 16.06 -8.80
C VAL A 461 -6.92 14.56 -8.68
N PRO A 462 -6.76 13.97 -7.46
CA PRO A 462 -7.11 12.56 -7.28
C PRO A 462 -8.59 12.34 -6.99
N CYS A 463 -9.15 11.26 -7.52
CA CYS A 463 -10.54 10.94 -7.30
C CYS A 463 -10.77 9.45 -7.18
N ARG A 464 -11.83 9.09 -6.48
CA ARG A 464 -12.28 7.73 -6.31
C ARG A 464 -13.78 7.75 -6.01
N PRO A 465 -14.53 6.63 -6.08
CA PRO A 465 -15.96 6.69 -5.73
C PRO A 465 -16.14 7.24 -4.30
N GLN A 466 -17.00 8.25 -4.14
CA GLN A 466 -17.22 8.96 -2.87
C GLN A 466 -17.65 8.08 -1.69
N ASP A 467 -18.40 7.02 -1.97
CA ASP A 467 -18.93 6.08 -0.98
C ASP A 467 -17.81 5.42 -0.24
N GLU A 468 -16.68 5.18 -0.96
CA GLU A 468 -15.46 4.58 -0.41
C GLU A 468 -14.79 5.56 0.57
N LEU A 469 -14.84 6.87 0.25
CA LEU A 469 -14.26 7.94 1.08
C LEU A 469 -15.06 8.14 2.38
N ILE A 470 -16.38 8.37 2.25
CA ILE A 470 -17.32 8.55 3.36
C ILE A 470 -17.36 7.31 4.26
N GLY A 471 -17.50 6.13 3.63
CA GLY A 471 -17.52 4.83 4.28
C GLY A 471 -16.29 4.59 5.14
N ARG A 472 -15.10 4.94 4.62
CA ARG A 472 -13.85 4.80 5.37
C ARG A 472 -13.79 5.81 6.53
N ALA A 473 -14.21 7.09 6.31
CA ALA A 473 -14.20 8.14 7.34
C ALA A 473 -15.12 7.79 8.52
N ARG A 474 -16.20 7.05 8.25
CA ARG A 474 -17.18 6.63 9.24
C ARG A 474 -16.67 5.46 10.13
N ILE A 475 -15.44 4.98 9.90
CA ILE A 475 -14.87 3.91 10.71
C ILE A 475 -13.82 4.45 11.70
N SER A 476 -14.07 4.23 12.98
CA SER A 476 -13.19 4.58 14.09
C SER A 476 -12.34 3.32 14.33
N GLN A 477 -11.07 3.49 14.74
CA GLN A 477 -10.21 2.33 14.93
C GLN A 477 -10.21 1.77 16.34
N GLY A 478 -10.68 0.52 16.43
CA GLY A 478 -10.77 -0.26 17.66
C GLY A 478 -11.78 0.23 18.68
N ALA A 479 -11.67 -0.32 19.91
CA ALA A 479 -12.53 -0.01 21.05
C ALA A 479 -11.80 0.87 22.08
N GLY A 480 -12.56 1.31 23.09
CA GLY A 480 -12.06 2.15 24.18
C GLY A 480 -11.63 3.54 23.75
N TRP A 481 -12.39 4.14 22.82
CA TRP A 481 -12.10 5.47 22.29
C TRP A 481 -13.10 6.52 22.76
N SER A 482 -12.58 7.60 23.37
CA SER A 482 -13.37 8.72 23.87
C SER A 482 -13.94 9.54 22.70
N LEU A 483 -14.94 10.40 22.98
CA LEU A 483 -15.55 11.29 21.99
C LEU A 483 -14.48 12.25 21.43
N ARG A 484 -13.52 12.65 22.30
CA ARG A 484 -12.38 13.51 21.99
C ARG A 484 -11.53 12.90 20.87
N GLU A 485 -11.08 11.64 21.04
CA GLU A 485 -10.26 10.89 20.10
C GLU A 485 -11.01 10.68 18.77
N THR A 486 -12.33 10.40 18.87
CA THR A 486 -13.28 10.21 17.77
C THR A 486 -13.42 11.49 16.93
N ALA A 487 -13.67 12.65 17.59
CA ALA A 487 -13.82 13.95 16.95
C ALA A 487 -12.53 14.35 16.20
N CYS A 488 -11.36 14.02 16.79
CA CYS A 488 -10.05 14.29 16.19
C CYS A 488 -9.77 13.43 14.96
N LEU A 489 -10.15 12.12 14.97
CA LEU A 489 -10.05 11.27 13.80
C LEU A 489 -10.95 11.82 12.71
N GLY A 490 -12.15 12.25 13.10
CA GLY A 490 -13.13 12.87 12.21
C GLY A 490 -12.57 14.11 11.57
N LYS A 491 -11.89 14.96 12.37
CA LYS A 491 -11.22 16.19 11.93
C LYS A 491 -10.13 15.87 10.91
N ALA A 492 -9.33 14.79 11.18
CA ALA A 492 -8.27 14.31 10.28
C ALA A 492 -8.83 13.94 8.90
N TYR A 493 -9.94 13.18 8.86
CA TYR A 493 -10.62 12.81 7.61
C TYR A 493 -11.18 14.01 6.91
N ALA A 494 -11.74 14.98 7.67
CA ALA A 494 -12.28 16.22 7.14
C ALA A 494 -11.19 17.05 6.49
N GLN A 495 -10.03 17.16 7.13
CA GLN A 495 -8.91 17.95 6.59
C GLN A 495 -8.22 17.25 5.39
N MET A 496 -8.10 15.88 5.41
CA MET A 496 -7.59 15.10 4.28
C MET A 496 -8.44 15.41 3.04
N TRP A 497 -9.76 15.43 3.23
CA TRP A 497 -10.70 15.79 2.18
C TRP A 497 -10.47 17.21 1.68
N SER A 498 -10.23 18.20 2.57
CA SER A 498 -9.98 19.61 2.20
C SER A 498 -8.76 19.75 1.30
N LEU A 499 -7.77 18.86 1.49
CA LEU A 499 -6.51 18.89 0.76
C LEU A 499 -6.52 18.07 -0.49
N MET A 500 -7.00 16.82 -0.42
CA MET A 500 -7.00 15.91 -1.57
C MET A 500 -8.29 15.84 -2.34
N TYR A 501 -9.47 15.96 -1.68
CA TYR A 501 -10.77 15.78 -2.32
C TYR A 501 -11.76 16.98 -2.20
N PHE A 502 -11.23 18.21 -2.04
CA PHE A 502 -11.95 19.50 -2.01
C PHE A 502 -12.87 19.70 -3.22
N HIS A 503 -12.53 19.03 -4.33
CA HIS A 503 -13.23 19.11 -5.60
C HIS A 503 -14.55 18.29 -5.60
N ARG A 504 -14.80 17.56 -4.50
CA ARG A 504 -16.02 16.77 -4.30
C ARG A 504 -16.92 17.62 -3.41
N ARG A 505 -18.04 18.13 -3.97
CA ARG A 505 -18.99 19.04 -3.32
C ARG A 505 -19.51 18.56 -1.98
N ASP A 506 -19.88 17.25 -1.91
CA ASP A 506 -20.38 16.58 -0.71
C ASP A 506 -19.31 16.51 0.35
N LEU A 507 -18.02 16.37 -0.07
CA LEU A 507 -16.89 16.30 0.87
C LEU A 507 -16.41 17.66 1.33
N ARG A 508 -16.49 18.72 0.50
CA ARG A 508 -16.14 20.05 1.02
C ARG A 508 -17.13 20.46 2.12
N LEU A 509 -18.46 20.28 1.86
CA LEU A 509 -19.53 20.53 2.83
C LEU A 509 -19.35 19.71 4.10
N ALA A 510 -19.26 18.36 3.99
CA ALA A 510 -19.09 17.47 5.15
C ALA A 510 -17.83 17.82 5.94
N SER A 511 -16.76 18.22 5.21
CA SER A 511 -15.47 18.60 5.80
C SER A 511 -15.62 19.88 6.63
N ASN A 512 -16.29 20.89 6.06
CA ASN A 512 -16.55 22.14 6.77
C ASN A 512 -17.45 21.92 7.97
N ALA A 513 -18.47 21.05 7.83
CA ALA A 513 -19.40 20.68 8.88
C ALA A 513 -18.69 20.01 10.04
N ILE A 514 -17.76 19.05 9.76
CA ILE A 514 -16.94 18.34 10.76
C ILE A 514 -15.99 19.32 11.50
N CYS A 515 -15.29 20.17 10.75
CA CYS A 515 -14.37 21.17 11.31
C CYS A 515 -15.10 22.28 12.11
N SER A 516 -16.41 22.42 11.93
CA SER A 516 -17.27 23.34 12.66
C SER A 516 -17.74 22.73 13.99
N ALA A 517 -17.92 21.40 14.02
CA ALA A 517 -18.42 20.61 15.13
C ALA A 517 -17.32 20.18 16.08
N VAL A 518 -16.07 20.18 15.60
CA VAL A 518 -14.89 19.76 16.36
C VAL A 518 -14.11 21.02 16.81
N PRO A 519 -13.79 21.13 18.13
CA PRO A 519 -13.07 22.33 18.61
C PRO A 519 -11.81 22.66 17.80
N VAL A 520 -11.64 23.96 17.44
CA VAL A 520 -10.56 24.55 16.61
C VAL A 520 -9.16 24.12 16.98
N HIS A 521 -8.87 24.00 18.29
CA HIS A 521 -7.52 23.72 18.78
C HIS A 521 -7.26 22.25 19.03
N TRP A 522 -8.27 21.39 18.84
CA TRP A 522 -8.05 19.95 18.97
C TRP A 522 -7.25 19.48 17.75
N VAL A 523 -6.10 18.86 18.01
CA VAL A 523 -5.19 18.40 16.97
C VAL A 523 -5.72 17.10 16.39
N PRO A 524 -5.83 16.98 15.03
CA PRO A 524 -6.22 15.70 14.43
C PRO A 524 -5.20 14.63 14.84
N THR A 525 -5.67 13.59 15.54
CA THR A 525 -4.81 12.49 15.99
C THR A 525 -5.28 11.20 15.32
N SER A 526 -4.38 10.19 15.27
CA SER A 526 -4.56 8.89 14.58
C SER A 526 -4.58 9.09 13.06
N ARG A 527 -4.05 8.10 12.33
CA ARG A 527 -3.99 8.20 10.89
C ARG A 527 -5.31 7.87 10.18
N THR A 528 -5.57 8.56 9.09
CA THR A 528 -6.75 8.36 8.23
C THR A 528 -6.46 7.18 7.28
N THR A 529 -5.15 6.95 7.01
CA THR A 529 -4.64 5.95 6.07
C THR A 529 -3.22 5.48 6.40
N TRP A 530 -2.90 4.26 5.94
CA TRP A 530 -1.58 3.62 6.05
C TRP A 530 -0.89 3.64 4.67
N SER A 531 -1.50 4.33 3.70
CA SER A 531 -1.04 4.44 2.32
C SER A 531 0.32 5.11 2.21
N ILE A 532 1.21 4.51 1.37
CA ILE A 532 2.54 5.09 1.12
C ILE A 532 2.43 6.43 0.41
N HIS A 533 1.29 6.68 -0.28
CA HIS A 533 1.02 7.93 -1.02
C HIS A 533 0.53 9.08 -0.11
N ALA A 534 0.26 8.77 1.18
CA ALA A 534 -0.21 9.73 2.19
C ALA A 534 0.97 10.41 2.86
N HIS A 535 0.96 11.76 2.86
CA HIS A 535 2.06 12.51 3.48
C HIS A 535 1.54 13.26 4.72
N HIS A 536 0.23 13.05 5.01
CA HIS A 536 -0.53 13.51 6.16
C HIS A 536 -0.39 15.01 6.44
N GLN A 537 -0.51 15.84 5.41
CA GLN A 537 -0.41 17.30 5.53
C GLN A 537 -1.61 17.90 6.26
N TRP A 538 -2.67 17.07 6.43
CA TRP A 538 -3.92 17.39 7.14
C TRP A 538 -3.80 17.18 8.66
N MET A 539 -2.73 16.54 9.12
CA MET A 539 -2.48 16.30 10.54
C MET A 539 -1.90 17.58 11.22
N THR A 540 -2.64 18.69 11.15
CA THR A 540 -2.25 19.99 11.70
C THR A 540 -3.46 20.83 12.18
N THR A 541 -3.22 21.91 12.93
CA THR A 541 -4.25 22.85 13.38
C THR A 541 -4.12 24.15 12.62
N GLU A 542 -3.16 24.15 11.67
CA GLU A 542 -2.90 25.24 10.74
C GLU A 542 -4.11 25.30 9.80
N ASP A 543 -4.41 26.50 9.32
CA ASP A 543 -5.48 26.80 8.37
C ASP A 543 -5.30 25.94 7.10
N MET A 544 -6.35 25.17 6.73
CA MET A 544 -6.34 24.23 5.59
C MET A 544 -6.19 24.89 4.23
N LEU A 545 -6.59 26.17 4.08
CA LEU A 545 -6.41 26.91 2.84
C LEU A 545 -4.94 27.30 2.63
N THR A 546 -4.17 27.44 3.75
CA THR A 546 -2.76 27.77 3.75
C THR A 546 -2.04 26.52 3.28
N VAL A 547 -2.36 25.40 3.93
CA VAL A 547 -1.86 24.07 3.58
C VAL A 547 -2.17 23.77 2.10
N TRP A 548 -3.44 23.98 1.65
CA TRP A 548 -3.87 23.77 0.27
C TRP A 548 -2.97 24.51 -0.72
N ASN A 549 -2.66 25.81 -0.44
CA ASN A 549 -1.80 26.68 -1.25
C ASN A 549 -0.37 26.18 -1.31
N ARG A 550 0.11 25.63 -0.20
CA ARG A 550 1.45 25.06 -0.11
C ARG A 550 1.60 23.85 -1.05
N VAL A 551 0.71 22.87 -0.91
CA VAL A 551 0.66 21.61 -1.68
C VAL A 551 0.32 21.86 -3.17
N TRP A 552 -0.82 22.54 -3.45
CA TRP A 552 -1.28 22.71 -4.83
C TRP A 552 -0.64 23.82 -5.64
N ILE A 553 -0.12 24.86 -5.00
CA ILE A 553 0.47 26.01 -5.69
C ILE A 553 1.95 26.12 -5.45
N GLU A 554 2.37 26.40 -4.22
CA GLU A 554 3.76 26.66 -3.85
C GLU A 554 4.72 25.57 -4.22
N GLU A 555 4.54 24.42 -3.61
CA GLU A 555 5.40 23.25 -3.75
C GLU A 555 5.09 22.41 -4.96
N ASN A 556 4.04 22.77 -5.75
CA ASN A 556 3.62 22.02 -6.93
C ASN A 556 4.52 22.29 -8.15
N PRO A 557 5.39 21.33 -8.58
CA PRO A 557 6.26 21.60 -9.74
C PRO A 557 5.52 21.84 -11.04
N TRP A 558 4.28 21.32 -11.17
CA TRP A 558 3.47 21.50 -12.37
C TRP A 558 2.60 22.80 -12.29
N MET A 559 2.83 23.64 -11.27
CA MET A 559 2.11 24.91 -11.10
C MET A 559 3.12 26.03 -11.24
N GLU A 560 3.25 26.56 -12.45
CA GLU A 560 4.20 27.60 -12.81
C GLU A 560 3.81 28.93 -12.16
N ASP A 561 2.55 29.34 -12.30
CA ASP A 561 2.09 30.55 -11.68
C ASP A 561 1.87 30.30 -10.19
N LYS A 562 2.69 30.99 -9.34
CA LYS A 562 2.65 30.77 -7.90
C LYS A 562 1.69 31.69 -7.15
N THR A 563 0.76 32.37 -7.85
CA THR A 563 -0.21 33.26 -7.22
C THR A 563 -1.07 32.46 -6.21
N PRO A 564 -1.12 32.83 -4.92
CA PRO A 564 -1.96 32.09 -3.99
C PRO A 564 -3.45 32.25 -4.29
N VAL A 565 -4.24 31.31 -3.76
CA VAL A 565 -5.68 31.29 -3.85
C VAL A 565 -6.10 31.80 -2.49
N THR A 566 -6.71 32.99 -2.48
CA THR A 566 -7.08 33.70 -1.25
C THR A 566 -8.33 33.20 -0.57
N THR A 567 -9.19 32.54 -1.34
CA THR A 567 -10.50 32.05 -0.86
C THR A 567 -10.82 30.65 -1.41
N TRP A 568 -11.51 29.84 -0.58
CA TRP A 568 -12.01 28.51 -0.91
C TRP A 568 -12.99 28.58 -2.10
N GLU A 569 -13.59 29.75 -2.32
CA GLU A 569 -14.50 30.02 -3.42
C GLU A 569 -13.74 30.03 -4.77
N ASN A 570 -12.40 30.16 -4.74
CA ASN A 570 -11.54 30.13 -5.92
C ASN A 570 -10.90 28.73 -6.09
N VAL A 571 -11.11 27.83 -5.09
CA VAL A 571 -10.65 26.43 -5.11
C VAL A 571 -11.74 25.65 -5.87
N PRO A 572 -11.37 25.04 -7.02
CA PRO A 572 -12.38 24.43 -7.88
C PRO A 572 -12.98 23.10 -7.44
N TYR A 573 -14.07 22.76 -8.13
CA TYR A 573 -14.82 21.53 -7.98
C TYR A 573 -14.68 20.82 -9.31
N LEU A 574 -14.99 19.50 -9.31
CA LEU A 574 -15.15 18.73 -10.53
C LEU A 574 -16.41 19.32 -11.16
N GLY A 575 -16.59 19.15 -12.47
CA GLY A 575 -17.84 19.57 -13.08
C GLY A 575 -18.95 18.74 -12.45
N LYS A 576 -20.17 19.33 -12.29
CA LYS A 576 -21.35 18.66 -11.70
C LYS A 576 -21.53 17.22 -12.20
N ARG A 577 -21.40 17.01 -13.52
CA ARG A 577 -21.51 15.71 -14.22
C ARG A 577 -20.52 14.70 -13.63
N GLU A 578 -19.21 15.03 -13.66
CA GLU A 578 -18.10 14.19 -13.15
C GLU A 578 -18.26 13.92 -11.66
N ASP A 579 -18.72 14.93 -10.91
CA ASP A 579 -18.96 14.80 -9.48
C ASP A 579 -20.04 13.72 -9.25
N GLN A 580 -21.11 13.77 -10.06
CA GLN A 580 -22.21 12.79 -10.04
C GLN A 580 -21.77 11.39 -10.49
N TRP A 581 -20.98 11.30 -11.58
CA TRP A 581 -20.41 10.05 -12.11
C TRP A 581 -19.48 9.35 -11.09
N CYS A 582 -18.88 10.12 -10.16
CA CYS A 582 -17.96 9.59 -9.15
C CYS A 582 -18.59 9.48 -7.76
N GLY A 583 -19.90 9.37 -7.73
CA GLY A 583 -20.64 9.07 -6.52
C GLY A 583 -21.39 10.14 -5.79
N SER A 584 -21.35 11.41 -6.26
CA SER A 584 -22.03 12.53 -5.58
C SER A 584 -23.56 12.44 -5.51
N LEU A 585 -24.14 12.77 -4.33
CA LEU A 585 -25.58 12.83 -4.11
C LEU A 585 -26.16 14.22 -4.51
N ILE A 586 -25.37 15.00 -5.28
CA ILE A 586 -25.75 16.33 -5.79
C ILE A 586 -26.95 16.23 -6.70
N GLY A 587 -27.96 17.06 -6.45
CA GLY A 587 -29.20 17.03 -7.23
C GLY A 587 -30.31 16.20 -6.60
N LEU A 588 -29.99 15.44 -5.50
CA LEU A 588 -30.95 14.64 -4.74
C LEU A 588 -31.55 15.49 -3.62
N THR A 589 -32.78 15.16 -3.23
CA THR A 589 -33.53 15.89 -2.21
C THR A 589 -32.92 15.69 -0.83
N SER A 590 -32.65 14.43 -0.43
CA SER A 590 -32.04 14.07 0.85
C SER A 590 -30.75 14.84 1.09
N ARG A 591 -29.96 15.01 0.02
CA ARG A 591 -28.71 15.76 0.06
C ARG A 591 -28.98 17.27 0.26
N ALA A 592 -29.97 17.85 -0.46
CA ALA A 592 -30.35 19.26 -0.33
C ALA A 592 -30.91 19.52 1.09
N THR A 593 -31.66 18.56 1.64
CA THR A 593 -32.24 18.56 2.99
C THR A 593 -31.07 18.59 4.00
N TRP A 594 -30.07 17.71 3.80
CA TRP A 594 -28.86 17.56 4.63
C TRP A 594 -28.06 18.85 4.62
N ALA A 595 -27.84 19.41 3.44
CA ALA A 595 -27.12 20.65 3.24
C ALA A 595 -27.82 21.80 3.97
N GLN A 596 -29.16 21.88 3.85
CA GLN A 596 -30.01 22.91 4.46
C GLN A 596 -29.99 22.83 6.01
N ASN A 597 -30.11 21.62 6.55
CA ASN A 597 -30.23 21.37 7.98
C ASN A 597 -28.90 20.97 8.65
N ILE A 598 -27.75 21.24 7.99
CA ILE A 598 -26.44 20.88 8.52
C ILE A 598 -26.04 21.73 9.77
N PRO A 599 -26.43 23.03 9.97
CA PRO A 599 -26.01 23.72 11.22
C PRO A 599 -26.61 23.10 12.48
N THR A 600 -27.83 22.51 12.36
CA THR A 600 -28.54 21.80 13.41
C THR A 600 -27.71 20.60 13.89
N ALA A 601 -27.22 19.76 12.95
CA ALA A 601 -26.38 18.60 13.27
C ALA A 601 -25.05 19.05 13.88
N ILE A 602 -24.41 20.11 13.32
CA ILE A 602 -23.17 20.69 13.87
C ILE A 602 -23.38 21.04 15.35
N GLN A 603 -24.49 21.75 15.65
CA GLN A 603 -24.86 22.17 17.01
C GLN A 603 -25.06 20.98 17.93
N GLN A 604 -25.69 19.90 17.42
CA GLN A 604 -25.90 18.66 18.17
C GLN A 604 -24.56 18.06 18.62
N VAL A 605 -23.59 17.96 17.68
CA VAL A 605 -22.25 17.43 17.96
C VAL A 605 -21.54 18.35 18.98
N ARG A 606 -21.64 19.69 18.76
CA ARG A 606 -21.06 20.71 19.64
C ARG A 606 -21.55 20.58 21.08
N SER A 607 -22.90 20.49 21.26
CA SER A 607 -23.53 20.39 22.57
C SER A 607 -23.08 19.13 23.32
N LEU A 608 -22.90 18.01 22.58
CA LEU A 608 -22.43 16.77 23.18
C LEU A 608 -20.95 16.81 23.53
N ILE A 609 -20.13 17.56 22.75
CA ILE A 609 -18.69 17.74 22.99
C ILE A 609 -18.47 18.60 24.26
N GLY A 610 -19.19 19.72 24.38
CA GLY A 610 -19.09 20.57 25.54
C GLY A 610 -18.84 22.03 25.29
N ASN A 611 -18.50 22.76 26.37
CA ASN A 611 -18.20 24.20 26.33
C ASN A 611 -16.72 24.45 25.97
N GLU A 612 -16.42 24.23 24.68
CA GLU A 612 -15.11 24.39 24.07
C GLU A 612 -15.19 25.55 23.06
N GLU A 613 -14.06 25.84 22.39
CA GLU A 613 -14.00 26.91 21.41
C GLU A 613 -14.21 26.29 20.03
N PHE A 614 -15.23 26.76 19.32
CA PHE A 614 -15.56 26.25 18.00
C PHE A 614 -15.52 27.39 17.02
N LEU A 615 -15.09 27.11 15.81
CA LEU A 615 -15.10 28.09 14.76
C LEU A 615 -16.12 27.61 13.72
N ASP A 616 -16.90 28.54 13.16
CA ASP A 616 -17.91 28.22 12.16
C ASP A 616 -17.25 28.30 10.81
N TYR A 617 -17.00 27.12 10.20
CA TYR A 617 -16.37 26.98 8.88
C TYR A 617 -17.34 27.00 7.73
N MET A 618 -18.65 26.93 8.02
CA MET A 618 -19.67 26.98 6.96
C MET A 618 -19.63 28.29 6.15
N PRO A 619 -19.41 29.51 6.76
CA PRO A 619 -19.32 30.74 5.93
C PRO A 619 -18.28 30.72 4.80
N SER A 620 -17.21 29.89 4.93
CA SER A 620 -16.16 29.71 3.90
C SER A 620 -16.73 29.11 2.59
N MET A 621 -18.03 28.75 2.63
CA MET A 621 -18.81 28.19 1.52
C MET A 621 -19.91 29.16 1.05
N LYS A 622 -20.37 28.97 -0.19
CA LYS A 622 -21.39 29.73 -0.93
C LYS A 622 -22.71 30.00 -0.17
N ARG A 623 -23.12 29.02 0.68
CA ARG A 623 -24.35 29.05 1.49
C ARG A 623 -24.45 30.29 2.38
ZN ZN B . -13.64 11.15 -10.19
ZN ZN C . 15.59 -14.23 12.78
C1 LNX D . -4.13 3.97 -2.38
C2 LNX D . -4.83 4.72 -1.29
C3 LNX D . -5.80 4.09 -0.52
O1 LNX D . -3.50 1.72 -2.35
O2 LNX D . -7.48 3.28 3.68
O3 LNX D . -5.49 3.27 2.69
C11 LNX D . -4.87 10.38 0.88
C12 LNX D . -3.58 10.28 0.57
C13 LNX D . -4.51 6.05 -1.02
C LNX D . -3.20 2.89 -1.89
O LNX D . -2.26 3.11 -1.15
C8 LNX D . -5.15 6.74 0.02
C7 LNX D . -6.11 6.09 0.79
C4 LNX D . -6.44 4.76 0.53
C5 LNX D . -7.39 4.02 1.43
C6 LNX D . -6.69 3.48 2.65
C9 LNX D . -4.77 8.14 0.32
C10 LNX D . -5.58 9.16 0.74
S LNX D . -3.17 8.70 0.11
C1 LNX E . -21.53 25.35 -6.76
C2 LNX E . -21.99 24.25 -5.84
C3 LNX E . -21.30 23.98 -4.65
O1 LNX E . -20.90 23.84 -8.46
O2 LNX E . -21.84 24.11 -0.63
O3 LNX E . -22.76 22.10 -0.92
C11 LNX E . -26.93 20.70 -5.20
C12 LNX E . -26.86 20.79 -6.54
C13 LNX E . -23.16 23.53 -6.12
C LNX E . -20.54 24.91 -7.81
O LNX E . -19.50 25.52 -8.04
C8 LNX E . -23.63 22.56 -5.22
C7 LNX E . -22.92 22.32 -4.05
C4 LNX E . -21.76 23.03 -3.75
C5 LNX E . -21.05 22.80 -2.44
C6 LNX E . -21.96 22.95 -1.25
C9 LNX E . -24.89 21.86 -5.50
C10 LNX E . -25.79 21.31 -4.57
S LNX E . -25.45 21.60 -7.09
#